data_4LWC
#
_entry.id   4LWC
#
_cell.length_a   38.208
_cell.length_b   54.043
_cell.length_c   54.356
_cell.angle_alpha   90.00
_cell.angle_beta   90.00
_cell.angle_gamma   90.00
#
_symmetry.space_group_name_H-M   'P 21 21 21'
#
loop_
_entity.id
_entity.type
_entity.pdbx_description
1 polymer 'Replication protein A 70 kDa DNA-binding subunit'
2 non-polymer '5-[3-chloro-4-({4-[1-(3,4-dichlorophenyl)-1H-pyrazol-5-yl]benzyl}carbamothioyl)phenyl]furan-2-carboxylic acid'
3 water water
#
_entity_poly.entity_id   1
_entity_poly.type   'polypeptide(L)'
_entity_poly.pdbx_seq_one_letter_code
;GSHMVGQLSRGAIAAIMQKGDTNIKPILQVINIRPITTGNSPPRYRLLMSDGLNTLSSFMLATQLNPLVEEEQLSSNCVC
QIHRFIVNTLKDGRRVVILMELEVLKSAEAVGVKIGNPVPYNE
;
_entity_poly.pdbx_strand_id   A
#
# COMPACT_ATOMS: atom_id res chain seq x y z
N GLY A 1 -19.98 1.14 -1.81
CA GLY A 1 -21.31 0.95 -1.26
C GLY A 1 -21.29 0.25 0.09
N SER A 2 -22.43 -0.33 0.46
CA SER A 2 -22.56 -1.10 1.69
C SER A 2 -21.49 -2.19 1.73
N HIS A 3 -21.20 -2.66 2.95
CA HIS A 3 -20.18 -3.69 3.14
C HIS A 3 -18.84 -3.20 2.61
N MET A 4 -18.36 -2.08 3.15
CA MET A 4 -17.18 -1.43 2.62
C MET A 4 -15.95 -2.32 2.59
N VAL A 5 -15.81 -3.19 3.59
CA VAL A 5 -14.62 -4.03 3.67
C VAL A 5 -14.58 -5.04 2.52
N GLY A 6 -15.73 -5.27 1.89
CA GLY A 6 -15.81 -6.13 0.72
C GLY A 6 -15.11 -5.53 -0.50
N GLN A 7 -14.73 -4.27 -0.41
CA GLN A 7 -14.02 -3.61 -1.50
C GLN A 7 -12.53 -3.94 -1.47
N LEU A 8 -12.07 -4.51 -0.36
CA LEU A 8 -10.63 -4.72 -0.15
C LEU A 8 -10.26 -6.21 -0.20
N SER A 9 -9.03 -6.49 -0.63
CA SER A 9 -8.57 -7.86 -0.76
C SER A 9 -8.16 -8.45 0.58
N ARG A 10 -9.15 -8.78 1.42
CA ARG A 10 -8.88 -9.31 2.75
C ARG A 10 -8.01 -10.55 2.66
N GLY A 11 -6.90 -10.52 3.41
CA GLY A 11 -5.98 -11.62 3.42
C GLY A 11 -4.78 -11.45 2.52
N ALA A 12 -4.78 -10.42 1.68
CA ALA A 12 -3.67 -10.20 0.76
C ALA A 12 -2.35 -9.89 1.47
N ILE A 13 -2.40 -9.16 2.57
CA ILE A 13 -1.17 -8.84 3.27
C ILE A 13 -0.49 -10.11 3.79
N ALA A 14 -1.26 -10.99 4.41
CA ALA A 14 -0.71 -12.26 4.87
C ALA A 14 -0.15 -13.09 3.70
N ALA A 15 -0.87 -13.08 2.58
CA ALA A 15 -0.43 -13.82 1.40
C ALA A 15 0.92 -13.32 0.88
N ILE A 16 1.10 -12.00 0.86
CA ILE A 16 2.33 -11.40 0.37
C ILE A 16 3.51 -11.71 1.30
N MET A 17 3.29 -11.54 2.60
CA MET A 17 4.35 -11.66 3.58
C MET A 17 4.78 -13.10 3.85
N GLN A 18 3.84 -14.04 3.77
CA GLN A 18 4.12 -15.45 4.05
C GLN A 18 4.38 -16.27 2.79
N LYS A 19 3.33 -16.46 2.00
CA LYS A 19 3.42 -17.30 0.79
C LYS A 19 4.39 -16.68 -0.20
N GLY A 20 4.56 -15.36 -0.14
CA GLY A 20 5.37 -14.66 -1.11
C GLY A 20 4.64 -14.68 -2.44
N ASP A 21 3.31 -14.66 -2.35
CA ASP A 21 2.43 -14.65 -3.51
C ASP A 21 2.64 -13.34 -4.26
N THR A 22 3.01 -13.41 -5.53
CA THR A 22 3.30 -12.20 -6.31
C THR A 22 2.43 -12.02 -7.54
N ASN A 23 1.67 -13.06 -7.90
CA ASN A 23 0.84 -13.00 -9.09
C ASN A 23 -0.50 -12.34 -8.81
N ILE A 24 -0.80 -12.13 -7.53
CA ILE A 24 -2.04 -11.47 -7.14
C ILE A 24 -2.01 -9.98 -7.51
N LYS A 25 -3.19 -9.40 -7.72
CA LYS A 25 -3.31 -7.97 -7.96
C LYS A 25 -4.26 -7.38 -6.93
N PRO A 26 -3.80 -7.30 -5.68
CA PRO A 26 -4.71 -7.01 -4.57
C PRO A 26 -5.19 -5.58 -4.52
N ILE A 27 -6.40 -5.42 -4.02
CA ILE A 27 -6.97 -4.10 -3.83
C ILE A 27 -6.81 -3.71 -2.37
N LEU A 28 -6.08 -2.60 -2.15
CA LEU A 28 -5.71 -2.17 -0.79
C LEU A 28 -6.11 -0.73 -0.56
N GLN A 29 -6.24 -0.35 0.72
CA GLN A 29 -6.47 1.05 1.04
C GLN A 29 -5.21 1.69 1.60
N VAL A 30 -4.91 2.89 1.13
CA VAL A 30 -3.82 3.68 1.71
C VAL A 30 -4.33 4.30 3.01
N ILE A 31 -3.64 4.00 4.11
CA ILE A 31 -3.98 4.61 5.40
C ILE A 31 -3.15 5.88 5.66
N ASN A 32 -1.86 5.83 5.35
CA ASN A 32 -0.97 6.96 5.54
C ASN A 32 0.16 6.90 4.54
N ILE A 33 0.67 8.08 4.16
CA ILE A 33 1.84 8.17 3.30
C ILE A 33 2.79 9.17 3.92
N ARG A 34 4.07 8.83 3.95
CA ARG A 34 5.01 9.84 4.40
C ARG A 34 6.33 9.71 3.65
N PRO A 35 7.03 10.85 3.51
CA PRO A 35 8.34 10.80 2.86
C PRO A 35 9.39 10.24 3.80
N ILE A 36 10.36 9.55 3.20
CA ILE A 36 11.49 9.00 3.95
C ILE A 36 12.62 10.01 3.94
N THR A 37 13.38 10.06 5.03
CA THR A 37 14.64 10.80 5.05
C THR A 37 15.58 10.18 4.02
N THR A 38 15.86 10.90 2.93
CA THR A 38 16.63 10.32 1.82
C THR A 38 18.04 10.89 1.66
N GLY A 39 18.20 12.20 1.79
CA GLY A 39 19.48 12.84 1.54
C GLY A 39 19.39 13.76 0.33
N ASN A 40 20.21 13.49 -0.68
CA ASN A 40 20.12 14.20 -1.95
C ASN A 40 19.73 13.29 -3.10
N SER A 41 18.65 12.54 -2.89
CA SER A 41 18.10 11.64 -3.89
C SER A 41 16.65 12.08 -4.06
N PRO A 42 15.97 11.60 -5.12
CA PRO A 42 14.53 11.92 -5.15
C PRO A 42 13.86 11.34 -3.91
N PRO A 43 12.74 11.96 -3.47
CA PRO A 43 12.09 11.47 -2.27
C PRO A 43 11.64 10.03 -2.45
N ARG A 44 11.55 9.30 -1.35
CA ARG A 44 10.90 7.99 -1.33
C ARG A 44 9.68 8.12 -0.45
N TYR A 45 8.59 7.46 -0.84
CA TYR A 45 7.41 7.46 -0.02
C TYR A 45 7.17 6.08 0.59
N ARG A 46 6.91 6.09 1.89
CA ARG A 46 6.55 4.87 2.61
C ARG A 46 5.05 4.91 2.87
N LEU A 47 4.40 3.76 2.70
CA LEU A 47 2.94 3.70 2.85
C LEU A 47 2.51 2.71 3.90
N LEU A 48 1.55 3.13 4.72
CA LEU A 48 0.82 2.22 5.60
C LEU A 48 -0.44 1.83 4.83
N MET A 49 -0.55 0.55 4.52
CA MET A 49 -1.64 0.02 3.68
CA MET A 49 -1.67 0.07 3.71
C MET A 49 -2.50 -0.94 4.46
N SER A 50 -3.75 -1.09 4.04
CA SER A 50 -4.69 -1.98 4.68
C SER A 50 -5.36 -2.88 3.66
N ASP A 51 -5.56 -4.14 4.03
CA ASP A 51 -6.38 -5.03 3.19
C ASP A 51 -7.74 -5.31 3.83
N GLY A 52 -8.10 -4.51 4.84
CA GLY A 52 -9.37 -4.73 5.52
C GLY A 52 -9.20 -5.55 6.79
N LEU A 53 -8.25 -6.47 6.79
CA LEU A 53 -8.03 -7.33 7.95
C LEU A 53 -6.79 -6.88 8.70
N ASN A 54 -5.74 -6.60 7.93
CA ASN A 54 -4.47 -6.18 8.48
C ASN A 54 -4.00 -4.86 7.90
N THR A 55 -3.17 -4.16 8.67
CA THR A 55 -2.37 -3.06 8.13
C THR A 55 -0.92 -3.52 8.10
N LEU A 56 -0.14 -2.91 7.22
CA LEU A 56 1.29 -3.21 7.11
C LEU A 56 1.98 -1.92 6.71
N SER A 57 3.07 -1.59 7.38
CA SER A 57 3.73 -0.30 7.15
C SER A 57 4.97 -0.41 6.26
N SER A 58 5.27 -1.60 5.76
CA SER A 58 6.52 -1.81 5.05
CA SER A 58 6.51 -1.85 5.06
C SER A 58 6.42 -1.68 3.54
N PHE A 59 5.53 -0.82 3.07
CA PHE A 59 5.42 -0.58 1.63
C PHE A 59 6.20 0.64 1.24
N MET A 60 6.87 0.58 0.08
CA MET A 60 7.50 1.75 -0.48
CA MET A 60 7.57 1.71 -0.49
C MET A 60 7.14 1.90 -1.95
N LEU A 61 6.95 3.14 -2.37
CA LEU A 61 6.62 3.43 -3.77
C LEU A 61 7.87 3.43 -4.62
N ALA A 62 7.81 2.79 -5.80
CA ALA A 62 8.85 2.99 -6.80
C ALA A 62 8.88 4.48 -7.14
N THR A 63 10.07 5.02 -7.36
CA THR A 63 10.20 6.45 -7.61
C THR A 63 9.41 6.91 -8.83
N GLN A 64 9.21 6.01 -9.79
CA GLN A 64 8.43 6.34 -10.98
C GLN A 64 6.98 6.67 -10.64
N LEU A 65 6.52 6.23 -9.48
CA LEU A 65 5.14 6.51 -9.06
C LEU A 65 5.04 7.77 -8.21
N ASN A 66 6.17 8.44 -7.94
CA ASN A 66 6.13 9.66 -7.14
C ASN A 66 5.11 10.72 -7.59
N PRO A 67 4.93 10.91 -8.91
CA PRO A 67 3.95 11.93 -9.31
C PRO A 67 2.54 11.65 -8.79
N LEU A 68 2.18 10.39 -8.55
CA LEU A 68 0.84 10.11 -8.02
C LEU A 68 0.65 10.75 -6.65
N VAL A 69 1.70 10.74 -5.84
CA VAL A 69 1.64 11.36 -4.52
C VAL A 69 1.74 12.87 -4.63
N GLU A 70 2.67 13.34 -5.46
CA GLU A 70 2.98 14.76 -5.53
C GLU A 70 1.90 15.58 -6.21
N GLU A 71 1.11 14.95 -7.07
CA GLU A 71 -0.05 15.63 -7.66
C GLU A 71 -1.36 15.21 -6.98
N GLU A 72 -1.23 14.55 -5.84
CA GLU A 72 -2.32 14.31 -4.89
C GLU A 72 -3.43 13.37 -5.36
N GLN A 73 -3.11 12.49 -6.31
CA GLN A 73 -4.06 11.46 -6.73
C GLN A 73 -4.02 10.28 -5.77
N LEU A 74 -2.84 10.04 -5.21
CA LEU A 74 -2.61 8.97 -4.26
C LEU A 74 -2.43 9.61 -2.89
N SER A 75 -3.43 9.45 -2.01
CA SER A 75 -3.40 10.03 -0.68
C SER A 75 -4.16 9.18 0.33
N SER A 76 -4.03 9.50 1.61
CA SER A 76 -4.66 8.72 2.68
CA SER A 76 -4.66 8.74 2.68
C SER A 76 -6.16 8.57 2.43
N ASN A 77 -6.62 7.31 2.54
CA ASN A 77 -8.01 6.85 2.35
C ASN A 77 -8.30 6.33 0.94
N CYS A 78 -7.45 6.63 -0.03
CA CYS A 78 -7.75 6.14 -1.36
CA CYS A 78 -7.61 6.12 -1.39
C CYS A 78 -7.65 4.60 -1.42
N VAL A 79 -8.38 4.02 -2.36
CA VAL A 79 -8.37 2.58 -2.58
C VAL A 79 -7.68 2.32 -3.91
N CYS A 80 -6.68 1.44 -3.90
CA CYS A 80 -5.82 1.18 -5.06
CA CYS A 80 -5.94 1.19 -5.13
C CYS A 80 -5.74 -0.29 -5.40
N GLN A 81 -5.55 -0.60 -6.67
CA GLN A 81 -5.23 -1.96 -7.04
C GLN A 81 -3.74 -2.03 -7.38
N ILE A 82 -3.04 -2.97 -6.77
CA ILE A 82 -1.62 -3.15 -7.04
C ILE A 82 -1.44 -4.09 -8.23
N HIS A 83 -0.82 -3.61 -9.30
CA HIS A 83 -0.65 -4.41 -10.51
C HIS A 83 0.72 -5.06 -10.64
N ARG A 84 1.72 -4.45 -10.02
CA ARG A 84 3.04 -5.05 -10.00
C ARG A 84 3.76 -4.65 -8.72
N PHE A 85 4.35 -5.64 -8.04
CA PHE A 85 5.14 -5.36 -6.85
C PHE A 85 6.22 -6.41 -6.68
N ILE A 86 7.22 -6.07 -5.88
CA ILE A 86 8.22 -7.06 -5.50
C ILE A 86 8.44 -6.99 -4.00
N VAL A 87 8.83 -8.12 -3.42
CA VAL A 87 9.16 -8.18 -2.01
C VAL A 87 10.67 -8.30 -1.90
N ASN A 88 11.26 -7.47 -1.05
CA ASN A 88 12.69 -7.58 -0.77
C ASN A 88 12.90 -7.83 0.71
N THR A 89 13.99 -8.50 1.06
CA THR A 89 14.27 -8.79 2.45
C THR A 89 15.57 -8.11 2.84
N LEU A 90 15.54 -7.36 3.93
CA LEU A 90 16.73 -6.66 4.42
C LEU A 90 17.66 -7.60 5.20
N LYS A 91 18.87 -7.15 5.46
CA LYS A 91 19.85 -7.93 6.21
C LYS A 91 19.32 -8.40 7.56
N ASP A 92 18.49 -7.59 8.20
CA ASP A 92 18.02 -7.91 9.55
C ASP A 92 16.82 -8.84 9.53
N GLY A 93 16.34 -9.17 8.33
CA GLY A 93 15.21 -10.08 8.17
C GLY A 93 13.87 -9.44 7.87
N ARG A 94 13.80 -8.11 7.99
CA ARG A 94 12.55 -7.42 7.68
C ARG A 94 12.24 -7.48 6.20
N ARG A 95 10.96 -7.60 5.88
CA ARG A 95 10.56 -7.58 4.48
C ARG A 95 9.87 -6.29 4.11
N VAL A 96 10.19 -5.82 2.90
CA VAL A 96 9.60 -4.60 2.40
CA VAL A 96 9.67 -4.58 2.37
C VAL A 96 8.97 -4.87 1.04
N VAL A 97 7.87 -4.18 0.76
CA VAL A 97 7.15 -4.40 -0.48
C VAL A 97 7.29 -3.16 -1.33
N ILE A 98 7.87 -3.31 -2.52
CA ILE A 98 8.06 -2.17 -3.41
C ILE A 98 6.93 -2.18 -4.42
N LEU A 99 6.11 -1.13 -4.39
CA LEU A 99 4.98 -1.01 -5.32
C LEU A 99 5.47 -0.40 -6.64
N MET A 100 5.34 -1.16 -7.73
CA MET A 100 5.87 -0.73 -9.03
CA MET A 100 5.87 -0.71 -9.02
C MET A 100 4.82 -0.16 -9.97
N GLU A 101 3.63 -0.74 -9.93
CA GLU A 101 2.51 -0.25 -10.73
C GLU A 101 1.27 -0.37 -9.90
N LEU A 102 0.48 0.69 -9.87
CA LEU A 102 -0.82 0.62 -9.23
C LEU A 102 -1.82 1.52 -9.91
N GLU A 103 -3.07 1.26 -9.63
CA GLU A 103 -4.12 2.11 -10.14
CA GLU A 103 -4.19 2.03 -10.16
C GLU A 103 -5.02 2.54 -9.00
N VAL A 104 -5.38 3.82 -8.99
CA VAL A 104 -6.28 4.32 -7.98
C VAL A 104 -7.70 4.04 -8.45
N LEU A 105 -8.42 3.19 -7.71
CA LEU A 105 -9.79 2.86 -8.08
C LEU A 105 -10.78 3.87 -7.54
N LYS A 106 -10.52 4.35 -6.33
CA LYS A 106 -11.38 5.36 -5.71
C LYS A 106 -10.50 6.38 -5.01
N SER A 107 -10.73 7.66 -5.32
CA SER A 107 -9.95 8.72 -4.70
C SER A 107 -10.25 8.81 -3.21
N ALA A 108 -9.35 9.44 -2.47
CA ALA A 108 -9.52 9.60 -1.03
C ALA A 108 -10.83 10.31 -0.72
N GLU A 109 -11.15 11.33 -1.51
CA GLU A 109 -12.36 12.12 -1.30
C GLU A 109 -13.64 11.29 -1.53
N ALA A 110 -13.53 10.24 -2.34
CA ALA A 110 -14.67 9.38 -2.64
C ALA A 110 -14.87 8.24 -1.64
N VAL A 111 -13.85 7.99 -0.82
CA VAL A 111 -13.92 6.93 0.19
C VAL A 111 -14.10 7.58 1.56
N GLY A 112 -13.12 8.38 1.96
CA GLY A 112 -13.32 9.31 3.06
C GLY A 112 -13.07 8.83 4.47
N VAL A 113 -12.93 7.51 4.64
CA VAL A 113 -12.69 6.93 5.96
C VAL A 113 -11.80 5.71 5.82
N LYS A 114 -11.13 5.36 6.91
CA LYS A 114 -10.47 4.05 7.01
C LYS A 114 -11.54 2.97 7.06
N ILE A 115 -11.45 2.03 6.14
CA ILE A 115 -12.43 0.96 6.01
C ILE A 115 -12.16 -0.16 7.02
N GLY A 116 -13.22 -0.58 7.70
CA GLY A 116 -13.11 -1.67 8.65
C GLY A 116 -12.27 -1.33 9.87
N ASN A 117 -11.79 -2.35 10.55
CA ASN A 117 -10.93 -2.20 11.72
C ASN A 117 -9.73 -3.12 11.60
N PRO A 118 -8.85 -2.85 10.63
CA PRO A 118 -7.67 -3.71 10.42
C PRO A 118 -6.68 -3.61 11.59
N VAL A 119 -6.00 -4.71 11.89
CA VAL A 119 -4.98 -4.73 12.93
C VAL A 119 -3.59 -4.91 12.34
N PRO A 120 -2.57 -4.37 13.00
CA PRO A 120 -1.21 -4.49 12.44
C PRO A 120 -0.79 -5.93 12.21
N TYR A 121 -0.24 -6.21 11.04
CA TYR A 121 0.34 -7.52 10.76
C TYR A 121 1.60 -7.69 11.59
N ASN A 122 1.75 -8.85 12.23
CA ASN A 122 2.93 -9.13 13.01
C ASN A 122 3.90 -10.00 12.20
N GLU A 123 5.04 -9.40 11.84
CA GLU A 123 6.06 -10.01 10.98
C GLU A 123 5.65 -10.07 9.51
#